data_1OLA
#
_entry.id   1OLA
#
_cell.length_a   106.500
_cell.length_b   74.500
_cell.length_c   70.000
_cell.angle_alpha   90.00
_cell.angle_beta   90.00
_cell.angle_gamma   90.00
#
_symmetry.space_group_name_H-M   'P 21 21 2'
#
loop_
_entity.id
_entity.type
_entity.pdbx_description
1 polymer 'OLIGO-PEPTIDE BINDING PROTEIN'
2 polymer 'PEPTIDE VAL-LYS-PRO-GLY'
3 non-polymer 'URANYL (VI) ION'
4 water water
#
loop_
_entity_poly.entity_id
_entity_poly.type
_entity_poly.pdbx_seq_one_letter_code
_entity_poly.pdbx_strand_id
1 'polypeptide(L)'
;ADVPAGVQLADKQTLVRNNGSEVQSLDPHKIEGVPESNVSRDLFEGLLISDVEGHPSPGVAEKWENKDFKVWTFHLRENA
KWSDGTPVTAHDFVYSWQRLADPNTASPYASYLQYGHIANIDDIIAGKKPATDLGVKALDDHTFEVTLSEPVPYFYKLLV
HPSVSPVPKSAVEKFGDKWTQPANIVTNGAYKLKNWVVNERIVLERNPQYWDNAKTVINQVTYLPISSEVTDVNRYRSGE
IDMTYNNMPIELFQKLKKEIPNEVRVDPYLCTYYYEINNQKAPFNDVRVRTALKLALDRDIIVNKVKNQGDLPAYSYTPP
YTDGAKLVEPEWFKWSQQKRNEEAKKLLAEAGFTADKPLTFDLLYNTSDLHKKLAIAVASIWKKNLGVNVNLENQEWKTF
LDTRHQGTFDVARAGWCADYNEPTSFLNTMLSDSSNNTAHYKSPAFDKLIADTLKVADDTQRSELYAKAEQQLDKDSAIV
PVYYYVNARLVKPWVGGYTGKDPLDNIYVKNLYIIKH
;
A
2 'polypeptide(L)' VKPG B
#
# COMPACT_ATOMS: atom_id res chain seq x y z
N ALA A 1 -2.05 23.48 1.59
CA ALA A 1 -1.93 23.77 3.02
C ALA A 1 -2.95 24.88 3.34
N ASP A 2 -3.68 24.67 4.40
CA ASP A 2 -4.69 25.60 4.94
C ASP A 2 -4.14 25.99 6.33
N VAL A 3 -3.39 27.09 6.36
CA VAL A 3 -2.77 27.57 7.60
C VAL A 3 -3.77 28.36 8.45
N PRO A 4 -3.99 27.83 9.64
CA PRO A 4 -4.88 28.47 10.61
C PRO A 4 -4.43 29.91 10.88
N ALA A 5 -5.34 30.64 11.50
CA ALA A 5 -5.20 32.04 11.88
C ALA A 5 -4.17 32.30 12.97
N GLY A 6 -4.22 31.51 14.02
CA GLY A 6 -3.28 31.66 15.15
C GLY A 6 -1.82 31.48 14.77
N VAL A 7 -1.53 30.72 13.75
CA VAL A 7 -0.26 30.31 13.20
C VAL A 7 0.67 31.34 12.60
N GLN A 8 1.90 31.36 13.14
CA GLN A 8 3.00 32.23 12.72
C GLN A 8 4.10 31.31 12.15
N LEU A 9 4.16 31.17 10.83
CA LEU A 9 5.11 30.35 10.11
C LEU A 9 6.57 30.70 10.22
N ALA A 10 7.40 29.67 10.07
CA ALA A 10 8.84 29.81 10.09
C ALA A 10 9.30 30.37 8.74
N ASP A 11 10.55 30.81 8.76
CA ASP A 11 11.29 31.41 7.66
C ASP A 11 11.71 30.40 6.60
N LYS A 12 12.29 29.31 7.11
CA LYS A 12 12.75 28.25 6.16
C LYS A 12 11.57 27.28 6.07
N GLN A 13 11.02 27.12 4.87
CA GLN A 13 9.87 26.17 4.74
C GLN A 13 10.41 24.93 4.04
N THR A 14 11.03 24.12 4.87
CA THR A 14 11.62 22.86 4.41
C THR A 14 11.33 21.75 5.42
N LEU A 15 11.28 20.54 4.88
CA LEU A 15 10.98 19.33 5.66
C LEU A 15 11.89 18.16 5.27
N VAL A 16 12.20 17.38 6.31
CA VAL A 16 12.96 16.13 6.14
C VAL A 16 12.05 14.99 6.69
N ARG A 17 11.81 14.00 5.84
CA ARG A 17 11.00 12.81 6.17
C ARG A 17 11.82 11.52 5.91
N ASN A 18 11.68 10.58 6.85
CA ASN A 18 12.32 9.25 6.63
C ASN A 18 11.27 8.51 5.78
N ASN A 19 11.71 7.79 4.81
CA ASN A 19 10.87 7.12 3.83
C ASN A 19 11.07 5.61 3.83
N GLY A 20 11.70 5.12 4.87
CA GLY A 20 11.89 3.72 5.11
C GLY A 20 12.74 2.86 4.28
N SER A 21 12.95 3.07 3.01
CA SER A 21 13.85 2.31 2.16
C SER A 21 13.98 3.15 0.89
N GLU A 22 14.91 2.80 0.07
CA GLU A 22 15.18 3.35 -1.26
C GLU A 22 14.06 2.77 -2.13
N VAL A 23 13.39 3.67 -2.82
CA VAL A 23 12.26 3.30 -3.67
C VAL A 23 12.61 2.44 -4.87
N GLN A 24 11.59 1.65 -5.28
CA GLN A 24 11.77 0.82 -6.47
C GLN A 24 11.98 1.70 -7.72
N SER A 25 11.22 2.79 -7.80
CA SER A 25 11.19 3.65 -8.98
C SER A 25 10.41 4.93 -8.61
N LEU A 26 10.47 5.85 -9.57
CA LEU A 26 9.76 7.15 -9.52
C LEU A 26 8.71 7.09 -10.64
N ASP A 27 8.83 6.11 -11.52
CA ASP A 27 7.86 5.87 -12.61
C ASP A 27 6.60 5.31 -11.91
N PRO A 28 5.47 6.00 -12.03
CA PRO A 28 4.20 5.64 -11.43
C PRO A 28 3.63 4.28 -11.83
N HIS A 29 3.99 3.73 -12.97
CA HIS A 29 3.67 2.46 -13.58
C HIS A 29 4.60 1.30 -13.16
N LYS A 30 5.57 1.56 -12.30
CA LYS A 30 6.52 0.53 -11.86
C LYS A 30 6.63 0.41 -10.38
N ILE A 31 5.63 0.93 -9.68
CA ILE A 31 5.74 0.89 -8.19
C ILE A 31 4.61 0.16 -7.49
N GLU A 32 4.82 -0.20 -6.21
CA GLU A 32 3.75 -0.91 -5.49
C GLU A 32 3.77 -0.74 -3.99
N GLY A 33 4.82 -0.11 -3.46
CA GLY A 33 4.90 0.08 -2.03
C GLY A 33 4.52 1.47 -1.54
N VAL A 34 4.51 1.50 -0.23
CA VAL A 34 4.25 2.67 0.57
C VAL A 34 5.35 3.72 0.33
N PRO A 35 6.60 3.37 0.45
CA PRO A 35 7.70 4.29 0.23
C PRO A 35 7.56 4.97 -1.12
N GLU A 36 7.34 4.25 -2.19
CA GLU A 36 7.27 4.75 -3.54
C GLU A 36 6.12 5.75 -3.70
N SER A 37 5.03 5.46 -3.05
CA SER A 37 3.80 6.20 -3.08
C SER A 37 3.89 7.55 -2.35
N ASN A 38 4.71 7.58 -1.32
CA ASN A 38 4.93 8.75 -0.50
C ASN A 38 5.48 9.90 -1.40
N VAL A 39 6.46 9.53 -2.16
CA VAL A 39 7.14 10.40 -3.09
C VAL A 39 6.29 10.72 -4.29
N SER A 40 5.55 9.74 -4.78
CA SER A 40 4.72 9.91 -5.97
C SER A 40 3.60 10.90 -5.76
N ARG A 41 2.97 10.90 -4.61
CA ARG A 41 1.86 11.82 -4.33
C ARG A 41 2.32 13.28 -4.37
N ASP A 42 3.60 13.47 -4.17
CA ASP A 42 4.27 14.79 -4.17
C ASP A 42 4.56 15.26 -5.61
N LEU A 43 4.87 14.34 -6.52
CA LEU A 43 5.24 14.59 -7.87
C LEU A 43 4.25 14.55 -8.99
N PHE A 44 3.29 13.65 -8.90
CA PHE A 44 2.30 13.37 -9.96
C PHE A 44 0.92 13.40 -9.33
N GLU A 45 0.04 14.02 -10.09
CA GLU A 45 -1.32 14.17 -9.58
C GLU A 45 -2.28 13.69 -10.64
N GLY A 46 -3.17 12.81 -10.12
CA GLY A 46 -4.19 12.16 -10.98
C GLY A 46 -5.49 12.95 -10.93
N LEU A 47 -6.55 12.26 -11.30
CA LEU A 47 -7.91 12.80 -11.39
C LEU A 47 -8.42 13.33 -10.07
N LEU A 48 -8.27 12.54 -9.02
CA LEU A 48 -8.63 12.88 -7.64
C LEU A 48 -7.38 12.71 -6.72
N ILE A 49 -7.56 13.36 -5.58
CA ILE A 49 -6.55 13.38 -4.53
C ILE A 49 -7.25 13.22 -3.20
N SER A 50 -6.52 12.86 -2.14
CA SER A 50 -7.11 12.73 -0.82
C SER A 50 -6.83 14.09 -0.12
N ASP A 51 -7.87 14.46 0.60
CA ASP A 51 -7.81 15.68 1.44
C ASP A 51 -7.20 15.17 2.75
N VAL A 52 -7.01 16.06 3.69
CA VAL A 52 -6.45 15.77 4.99
C VAL A 52 -7.24 14.82 5.87
N GLU A 53 -8.42 14.44 5.48
CA GLU A 53 -9.24 13.47 6.27
C GLU A 53 -9.43 12.20 5.47
N GLY A 54 -8.60 12.03 4.45
CA GLY A 54 -8.52 10.96 3.50
C GLY A 54 -9.66 10.73 2.54
N HIS A 55 -10.49 11.71 2.25
CA HIS A 55 -11.62 11.66 1.31
C HIS A 55 -11.24 12.11 -0.08
N PRO A 56 -11.72 11.37 -1.08
CA PRO A 56 -11.43 11.68 -2.48
C PRO A 56 -11.92 13.12 -2.72
N SER A 57 -11.09 13.89 -3.39
CA SER A 57 -11.33 15.32 -3.67
C SER A 57 -10.69 15.67 -5.00
N PRO A 58 -11.18 16.75 -5.61
CA PRO A 58 -10.71 17.20 -6.92
C PRO A 58 -9.21 17.38 -7.00
N GLY A 59 -8.63 16.79 -8.05
CA GLY A 59 -7.17 16.87 -8.28
C GLY A 59 -7.10 17.64 -9.61
N VAL A 60 -6.75 16.94 -10.65
CA VAL A 60 -6.72 17.45 -12.03
C VAL A 60 -8.16 17.61 -12.51
N ALA A 61 -9.04 16.68 -12.10
CA ALA A 61 -10.47 16.80 -12.47
C ALA A 61 -11.00 17.76 -11.40
N GLU A 62 -11.89 18.61 -11.87
CA GLU A 62 -12.52 19.64 -11.01
C GLU A 62 -13.90 19.19 -10.54
N LYS A 63 -14.52 18.45 -11.45
CA LYS A 63 -15.86 17.89 -11.32
C LYS A 63 -15.87 16.58 -12.13
N TRP A 64 -16.76 15.71 -11.65
CA TRP A 64 -16.92 14.44 -12.38
C TRP A 64 -18.37 14.01 -12.16
N GLU A 65 -18.72 13.08 -13.05
CA GLU A 65 -20.07 12.48 -13.02
C GLU A 65 -20.08 11.08 -13.63
N ASN A 66 -21.07 10.29 -13.24
CA ASN A 66 -21.28 8.95 -13.77
C ASN A 66 -22.72 8.77 -14.29
N LYS A 67 -22.89 7.92 -15.27
CA LYS A 67 -24.18 7.45 -15.80
C LYS A 67 -24.23 5.97 -15.31
N ASP A 68 -24.98 5.80 -14.25
CA ASP A 68 -25.29 4.57 -13.55
C ASP A 68 -24.04 3.83 -13.08
N PHE A 69 -23.08 4.58 -12.59
CA PHE A 69 -21.85 3.93 -12.12
C PHE A 69 -21.10 3.18 -13.20
N LYS A 70 -21.51 3.36 -14.42
CA LYS A 70 -20.89 2.61 -15.51
C LYS A 70 -20.10 3.45 -16.47
N VAL A 71 -20.54 4.69 -16.63
CA VAL A 71 -19.82 5.67 -17.50
C VAL A 71 -19.50 6.86 -16.57
N TRP A 72 -18.24 7.20 -16.51
CA TRP A 72 -17.74 8.25 -15.63
C TRP A 72 -17.07 9.34 -16.47
N THR A 73 -17.52 10.57 -16.20
CA THR A 73 -17.02 11.75 -16.94
C THR A 73 -16.32 12.72 -15.98
N PHE A 74 -15.05 12.91 -16.41
CA PHE A 74 -14.15 13.79 -15.66
C PHE A 74 -13.91 15.09 -16.44
N HIS A 75 -14.15 16.18 -15.71
CA HIS A 75 -13.96 17.56 -16.23
C HIS A 75 -12.65 18.11 -15.67
N LEU A 76 -11.66 18.12 -16.58
CA LEU A 76 -10.32 18.60 -16.15
C LEU A 76 -10.24 20.11 -16.09
N ARG A 77 -9.55 20.57 -15.06
CA ARG A 77 -9.30 22.01 -14.86
C ARG A 77 -8.34 22.42 -15.97
N GLU A 78 -8.68 23.57 -16.48
CA GLU A 78 -7.94 24.21 -17.57
C GLU A 78 -6.58 24.74 -17.21
N ASN A 79 -6.34 25.01 -15.94
CA ASN A 79 -5.05 25.52 -15.47
C ASN A 79 -4.08 24.41 -15.08
N ALA A 80 -4.44 23.15 -15.32
CA ALA A 80 -3.47 22.10 -14.86
C ALA A 80 -2.34 22.07 -15.87
N LYS A 81 -1.10 22.09 -15.38
CA LYS A 81 0.05 22.02 -16.31
C LYS A 81 1.15 21.15 -15.65
N TRP A 82 2.00 20.74 -16.56
CA TRP A 82 3.20 19.99 -16.24
C TRP A 82 4.22 21.09 -15.86
N SER A 83 5.19 20.53 -15.23
CA SER A 83 6.43 21.05 -14.71
C SER A 83 7.08 22.05 -15.68
N ASP A 84 6.91 21.73 -16.95
CA ASP A 84 7.46 22.49 -18.05
C ASP A 84 6.41 23.45 -18.61
N GLY A 85 5.30 23.72 -17.99
CA GLY A 85 4.34 24.70 -18.49
C GLY A 85 3.35 24.27 -19.54
N THR A 86 3.50 23.01 -19.92
CA THR A 86 2.59 22.36 -20.89
C THR A 86 1.36 21.97 -20.08
N PRO A 87 0.25 21.98 -20.76
CA PRO A 87 -1.01 21.65 -20.08
C PRO A 87 -1.17 20.13 -19.87
N VAL A 88 -1.97 19.87 -18.85
CA VAL A 88 -2.33 18.47 -18.57
C VAL A 88 -3.70 18.34 -19.27
N THR A 89 -3.72 17.41 -20.22
CA THR A 89 -4.96 17.13 -20.95
C THR A 89 -5.45 15.69 -20.72
N ALA A 90 -6.66 15.47 -21.20
CA ALA A 90 -7.40 14.20 -21.22
C ALA A 90 -6.56 13.13 -21.94
N HIS A 91 -5.81 13.59 -22.92
CA HIS A 91 -4.91 12.80 -23.75
C HIS A 91 -3.75 12.22 -22.92
N ASP A 92 -3.36 12.95 -21.88
CA ASP A 92 -2.28 12.49 -21.00
C ASP A 92 -2.78 11.24 -20.22
N PHE A 93 -4.04 11.32 -19.86
CA PHE A 93 -4.67 10.23 -19.08
C PHE A 93 -4.91 9.06 -20.02
N VAL A 94 -5.35 9.37 -21.23
CA VAL A 94 -5.60 8.33 -22.24
C VAL A 94 -4.34 7.47 -22.42
N TYR A 95 -3.22 8.09 -22.71
CA TYR A 95 -1.90 7.51 -22.91
C TYR A 95 -1.41 6.75 -21.67
N SER A 96 -1.57 7.34 -20.49
CA SER A 96 -1.07 6.79 -19.23
C SER A 96 -1.80 5.52 -18.81
N TRP A 97 -3.10 5.46 -18.87
CA TRP A 97 -3.87 4.26 -18.49
C TRP A 97 -3.58 3.17 -19.52
N GLN A 98 -3.34 3.53 -20.76
CA GLN A 98 -2.99 2.56 -21.80
C GLN A 98 -1.64 1.89 -21.57
N ARG A 99 -0.73 2.69 -21.06
CA ARG A 99 0.63 2.22 -20.82
C ARG A 99 0.61 1.32 -19.60
N LEU A 100 -0.24 1.67 -18.64
CA LEU A 100 -0.36 0.92 -17.37
C LEU A 100 -0.85 -0.50 -17.75
N ALA A 101 -1.85 -0.59 -18.57
CA ALA A 101 -2.52 -1.78 -19.05
C ALA A 101 -1.63 -2.63 -19.96
N ASP A 102 -0.72 -1.96 -20.64
CA ASP A 102 0.13 -2.62 -21.60
C ASP A 102 1.04 -3.64 -20.91
N PRO A 103 0.87 -4.89 -21.41
CA PRO A 103 1.64 -6.04 -20.89
C PRO A 103 3.13 -5.76 -20.91
N ASN A 104 3.59 -5.03 -21.91
CA ASN A 104 4.97 -4.61 -22.07
C ASN A 104 5.51 -3.79 -20.90
N THR A 105 4.63 -2.96 -20.34
CA THR A 105 5.08 -2.12 -19.20
C THR A 105 5.39 -3.00 -18.00
N ALA A 106 4.74 -4.16 -17.92
CA ALA A 106 4.90 -5.11 -16.79
C ALA A 106 4.74 -4.40 -15.45
N SER A 107 3.66 -3.64 -15.32
CA SER A 107 3.50 -2.93 -14.02
C SER A 107 2.98 -3.91 -12.96
N PRO A 108 3.52 -3.85 -11.75
CA PRO A 108 3.03 -4.65 -10.65
C PRO A 108 1.57 -4.30 -10.32
N TYR A 109 1.11 -3.19 -10.86
CA TYR A 109 -0.23 -2.64 -10.66
C TYR A 109 -1.06 -2.68 -11.93
N ALA A 110 -0.69 -3.39 -12.96
CA ALA A 110 -1.50 -3.50 -14.17
C ALA A 110 -2.96 -3.87 -13.84
N SER A 111 -3.10 -4.68 -12.80
CA SER A 111 -4.36 -5.23 -12.32
C SER A 111 -5.27 -4.17 -11.76
N TYR A 112 -4.75 -2.98 -11.50
CA TYR A 112 -5.57 -1.88 -10.94
C TYR A 112 -6.73 -1.48 -11.88
N LEU A 113 -6.45 -1.55 -13.17
CA LEU A 113 -7.46 -1.28 -14.19
C LEU A 113 -8.56 -2.34 -14.14
N GLN A 114 -8.21 -3.57 -13.79
CA GLN A 114 -9.14 -4.71 -13.64
C GLN A 114 -10.01 -4.44 -12.41
N TYR A 115 -9.42 -4.00 -11.31
CA TYR A 115 -10.17 -3.67 -10.13
C TYR A 115 -11.27 -2.65 -10.40
N GLY A 116 -10.96 -1.67 -11.26
CA GLY A 116 -11.98 -0.65 -11.57
C GLY A 116 -12.92 -1.15 -12.67
N HIS A 117 -12.51 -2.21 -13.37
CA HIS A 117 -13.32 -2.88 -14.38
C HIS A 117 -13.57 -2.13 -15.65
N ILE A 118 -12.53 -1.44 -16.06
CA ILE A 118 -12.54 -0.64 -17.27
C ILE A 118 -12.78 -1.61 -18.46
N ALA A 119 -13.67 -1.24 -19.34
CA ALA A 119 -13.94 -2.02 -20.55
C ALA A 119 -12.65 -2.50 -21.24
N ASN A 120 -12.62 -3.80 -21.55
CA ASN A 120 -11.64 -4.55 -22.26
C ASN A 120 -10.36 -4.91 -21.51
N ILE A 121 -10.30 -4.55 -20.25
CA ILE A 121 -9.10 -4.78 -19.43
C ILE A 121 -8.56 -6.20 -19.51
N ASP A 122 -9.42 -7.18 -19.46
CA ASP A 122 -9.10 -8.62 -19.52
C ASP A 122 -8.24 -8.99 -20.72
N ASP A 123 -8.75 -8.71 -21.90
CA ASP A 123 -8.09 -9.02 -23.16
C ASP A 123 -6.77 -8.34 -23.41
N ILE A 124 -6.64 -7.14 -22.88
CA ILE A 124 -5.45 -6.31 -23.08
C ILE A 124 -4.31 -7.01 -22.31
N ILE A 125 -4.62 -7.22 -21.05
CA ILE A 125 -3.73 -7.88 -20.08
C ILE A 125 -3.35 -9.25 -20.63
N ALA A 126 -4.34 -9.97 -21.16
CA ALA A 126 -4.25 -11.26 -21.79
C ALA A 126 -3.37 -11.15 -23.04
N GLY A 127 -3.42 -9.98 -23.66
CA GLY A 127 -2.66 -9.67 -24.88
C GLY A 127 -3.40 -10.02 -26.15
N LYS A 128 -4.72 -10.07 -26.11
CA LYS A 128 -5.61 -10.42 -27.22
C LYS A 128 -6.11 -9.22 -28.01
N LYS A 129 -6.10 -8.15 -27.21
CA LYS A 129 -6.49 -6.82 -27.67
C LYS A 129 -5.32 -5.89 -27.27
N PRO A 130 -5.14 -4.93 -28.15
CA PRO A 130 -4.15 -3.87 -27.91
C PRO A 130 -4.71 -2.88 -26.86
N ALA A 131 -3.79 -2.26 -26.14
CA ALA A 131 -4.07 -1.32 -25.06
C ALA A 131 -4.92 -0.17 -25.54
N THR A 132 -4.92 0.00 -26.85
CA THR A 132 -5.69 1.03 -27.58
C THR A 132 -7.18 0.76 -27.45
N ASP A 133 -7.47 -0.50 -27.15
CA ASP A 133 -8.86 -0.94 -26.92
C ASP A 133 -9.39 -0.55 -25.58
N LEU A 134 -8.56 -0.03 -24.68
CA LEU A 134 -9.06 0.40 -23.35
C LEU A 134 -10.29 1.32 -23.49
N GLY A 135 -11.28 1.09 -22.65
CA GLY A 135 -12.51 1.82 -22.48
C GLY A 135 -12.29 3.19 -21.81
N VAL A 136 -11.31 3.98 -22.28
CA VAL A 136 -11.01 5.34 -21.80
C VAL A 136 -11.04 6.28 -23.03
N LYS A 137 -11.60 7.49 -22.83
CA LYS A 137 -11.56 8.37 -24.02
C LYS A 137 -11.42 9.84 -23.70
N ALA A 138 -10.56 10.47 -24.51
CA ALA A 138 -10.42 11.96 -24.36
C ALA A 138 -11.56 12.57 -25.21
N LEU A 139 -12.63 13.02 -24.57
CA LEU A 139 -13.76 13.61 -25.31
C LEU A 139 -13.32 14.90 -26.03
N ASP A 140 -12.53 15.67 -25.36
CA ASP A 140 -11.88 16.89 -25.82
C ASP A 140 -10.66 16.97 -24.91
N ASP A 141 -9.95 18.05 -24.98
CA ASP A 141 -8.74 18.23 -24.17
C ASP A 141 -9.01 18.25 -22.68
N HIS A 142 -10.20 18.57 -22.25
CA HIS A 142 -10.54 18.71 -20.83
C HIS A 142 -11.66 17.82 -20.32
N THR A 143 -11.97 16.80 -21.08
CA THR A 143 -13.00 15.77 -20.85
C THR A 143 -12.38 14.39 -21.14
N PHE A 144 -12.44 13.62 -20.06
CA PHE A 144 -11.90 12.25 -19.96
C PHE A 144 -13.05 11.31 -19.53
N GLU A 145 -13.40 10.49 -20.52
CA GLU A 145 -14.53 9.57 -20.22
C GLU A 145 -14.00 8.13 -20.04
N VAL A 146 -14.54 7.50 -19.02
CA VAL A 146 -14.26 6.12 -18.60
C VAL A 146 -15.54 5.27 -18.70
N THR A 147 -15.37 4.22 -19.50
CA THR A 147 -16.39 3.19 -19.72
C THR A 147 -16.01 1.87 -19.01
N LEU A 148 -16.86 1.41 -18.12
CA LEU A 148 -16.78 0.16 -17.36
C LEU A 148 -17.75 -0.91 -17.88
N SER A 149 -17.38 -2.15 -17.59
CA SER A 149 -18.12 -3.38 -17.97
C SER A 149 -19.22 -3.72 -17.00
N GLU A 150 -19.10 -3.15 -15.82
CA GLU A 150 -20.11 -3.27 -14.79
C GLU A 150 -20.18 -1.93 -14.04
N PRO A 151 -21.26 -1.79 -13.33
CA PRO A 151 -21.50 -0.66 -12.44
C PRO A 151 -20.59 -0.72 -11.20
N VAL A 152 -19.65 0.21 -11.01
CA VAL A 152 -18.77 0.22 -9.81
C VAL A 152 -18.95 1.54 -9.05
N PRO A 153 -19.86 1.57 -8.09
CA PRO A 153 -20.16 2.77 -7.34
C PRO A 153 -19.01 3.45 -6.61
N TYR A 154 -17.97 2.70 -6.28
CA TYR A 154 -16.82 3.23 -5.55
C TYR A 154 -15.66 3.53 -6.51
N PHE A 155 -15.87 3.49 -7.80
CA PHE A 155 -14.88 3.70 -8.83
C PHE A 155 -13.97 4.90 -8.60
N TYR A 156 -14.61 6.05 -8.33
CA TYR A 156 -13.87 7.33 -8.14
C TYR A 156 -12.85 7.23 -7.01
N LYS A 157 -13.17 6.37 -6.05
CA LYS A 157 -12.32 6.08 -4.89
C LYS A 157 -10.92 5.56 -5.19
N LEU A 158 -10.83 4.78 -6.24
CA LEU A 158 -9.57 4.22 -6.68
C LEU A 158 -8.60 5.26 -7.24
N LEU A 159 -9.12 6.34 -7.79
CA LEU A 159 -8.40 7.34 -8.55
C LEU A 159 -7.35 8.19 -7.88
N VAL A 160 -7.22 8.05 -6.56
CA VAL A 160 -6.18 8.84 -5.90
C VAL A 160 -4.85 8.09 -5.89
N HIS A 161 -4.84 6.84 -6.33
CA HIS A 161 -3.64 5.95 -6.37
C HIS A 161 -2.63 6.33 -7.44
N PRO A 162 -1.33 6.38 -7.11
CA PRO A 162 -0.30 6.76 -8.06
C PRO A 162 -0.32 6.02 -9.35
N SER A 163 -0.71 4.71 -9.35
CA SER A 163 -0.65 4.00 -10.67
C SER A 163 -1.51 4.63 -11.76
N VAL A 164 -2.55 5.36 -11.33
CA VAL A 164 -3.50 6.00 -12.26
C VAL A 164 -3.20 7.51 -12.43
N SER A 165 -2.00 7.88 -12.03
CA SER A 165 -1.45 9.25 -12.16
C SER A 165 -1.03 9.36 -13.63
N PRO A 166 -1.00 10.56 -14.20
CA PRO A 166 -0.59 10.67 -15.64
C PRO A 166 0.93 10.65 -15.68
N VAL A 167 1.53 10.30 -16.77
CA VAL A 167 2.98 10.29 -17.02
C VAL A 167 3.15 11.06 -18.37
N PRO A 168 4.30 11.72 -18.50
CA PRO A 168 4.58 12.55 -19.71
C PRO A 168 5.08 11.83 -20.94
N LYS A 169 4.23 11.70 -21.94
CA LYS A 169 4.35 11.08 -23.26
C LYS A 169 5.78 11.33 -23.74
N SER A 170 6.09 12.60 -23.80
CA SER A 170 7.31 13.26 -24.21
C SER A 170 8.62 12.73 -23.62
N ALA A 171 8.71 12.81 -22.30
CA ALA A 171 9.89 12.39 -21.56
C ALA A 171 10.06 10.87 -21.73
N VAL A 172 8.96 10.14 -21.57
CA VAL A 172 8.87 8.69 -21.65
C VAL A 172 9.37 8.17 -23.00
N GLU A 173 8.77 8.75 -24.03
CA GLU A 173 9.17 8.39 -25.39
C GLU A 173 10.55 8.81 -25.79
N LYS A 174 10.99 9.95 -25.29
CA LYS A 174 12.30 10.51 -25.55
C LYS A 174 13.37 9.81 -24.72
N PHE A 175 13.22 9.65 -23.42
CA PHE A 175 14.24 9.03 -22.57
C PHE A 175 14.02 7.62 -22.07
N GLY A 176 12.90 6.98 -22.27
CA GLY A 176 12.66 5.62 -21.74
C GLY A 176 12.81 5.54 -20.24
N ASP A 177 13.66 4.61 -19.83
CA ASP A 177 14.01 4.31 -18.46
C ASP A 177 14.62 5.51 -17.73
N LYS A 178 15.28 6.34 -18.52
CA LYS A 178 15.95 7.51 -17.92
C LYS A 178 15.06 8.71 -17.76
N TRP A 179 13.82 8.60 -18.24
CA TRP A 179 12.84 9.71 -18.08
C TRP A 179 12.70 10.25 -16.66
N THR A 180 12.90 9.48 -15.61
CA THR A 180 12.74 9.93 -14.22
C THR A 180 14.00 10.53 -13.64
N GLN A 181 15.07 10.56 -14.43
CA GLN A 181 16.36 11.21 -13.96
C GLN A 181 15.96 12.70 -13.76
N PRO A 182 16.48 13.40 -12.77
CA PRO A 182 16.10 14.81 -12.53
C PRO A 182 16.20 15.72 -13.75
N ALA A 183 17.20 15.56 -14.58
CA ALA A 183 17.40 16.34 -15.78
C ALA A 183 16.34 16.09 -16.82
N ASN A 184 15.64 14.96 -16.73
CA ASN A 184 14.63 14.63 -17.75
C ASN A 184 13.18 14.58 -17.30
N ILE A 185 12.98 14.50 -16.00
CA ILE A 185 11.60 14.33 -15.48
C ILE A 185 10.73 15.56 -15.69
N VAL A 186 9.47 15.33 -15.99
CA VAL A 186 8.36 16.30 -16.11
C VAL A 186 7.30 15.79 -15.09
N THR A 187 6.93 16.60 -14.12
CA THR A 187 5.96 16.25 -13.08
C THR A 187 4.76 17.19 -13.12
N ASN A 188 3.67 16.84 -12.47
CA ASN A 188 2.46 17.66 -12.45
C ASN A 188 1.90 17.87 -11.03
N GLY A 189 2.59 17.36 -10.02
CA GLY A 189 2.16 17.53 -8.60
C GLY A 189 2.71 18.88 -8.09
N ALA A 190 2.58 19.09 -6.80
CA ALA A 190 3.02 20.29 -6.11
C ALA A 190 4.50 20.53 -6.16
N TYR A 191 5.24 19.46 -6.41
CA TYR A 191 6.68 19.39 -6.40
C TYR A 191 7.26 18.79 -7.65
N LYS A 192 8.54 19.10 -7.71
CA LYS A 192 9.41 18.63 -8.84
C LYS A 192 10.66 17.98 -8.13
N LEU A 193 11.29 17.08 -8.87
CA LEU A 193 12.46 16.39 -8.33
C LEU A 193 13.68 17.29 -8.50
N LYS A 194 14.31 17.68 -7.43
CA LYS A 194 15.51 18.51 -7.57
C LYS A 194 16.73 17.58 -7.73
N ASN A 195 16.73 16.65 -6.79
CA ASN A 195 17.84 15.70 -6.62
C ASN A 195 17.44 14.27 -6.21
N TRP A 196 18.24 13.33 -6.73
CA TRP A 196 18.05 11.92 -6.40
C TRP A 196 19.41 11.24 -6.26
N VAL A 197 19.75 10.90 -5.03
CA VAL A 197 21.03 10.18 -4.81
C VAL A 197 20.66 8.84 -4.15
N VAL A 198 20.88 7.81 -4.93
CA VAL A 198 20.55 6.41 -4.53
C VAL A 198 21.17 5.98 -3.22
N ASN A 199 20.37 5.60 -2.24
CA ASN A 199 20.69 5.21 -0.91
C ASN A 199 21.10 6.36 0.00
N GLU A 200 20.76 7.57 -0.43
CA GLU A 200 21.09 8.77 0.38
C GLU A 200 19.90 9.69 0.52
N ARG A 201 19.39 10.19 -0.63
CA ARG A 201 18.22 11.10 -0.45
C ARG A 201 17.63 11.41 -1.78
N ILE A 202 16.38 11.84 -1.61
CA ILE A 202 15.58 12.33 -2.75
C ILE A 202 15.19 13.76 -2.30
N VAL A 203 15.43 14.74 -3.15
CA VAL A 203 15.09 16.15 -2.79
C VAL A 203 14.15 16.74 -3.87
N LEU A 204 13.05 17.21 -3.33
CA LEU A 204 11.94 17.78 -4.05
C LEU A 204 11.85 19.30 -3.77
N GLU A 205 11.40 19.98 -4.83
CA GLU A 205 11.23 21.43 -4.61
C GLU A 205 9.91 21.86 -5.25
N ARG A 206 9.37 22.96 -4.75
CA ARG A 206 8.12 23.54 -5.26
C ARG A 206 8.08 23.60 -6.78
N ASN A 207 6.94 23.16 -7.29
CA ASN A 207 6.65 23.19 -8.75
C ASN A 207 5.70 24.40 -8.89
N PRO A 208 6.28 25.47 -9.44
CA PRO A 208 5.58 26.77 -9.60
C PRO A 208 4.46 26.71 -10.62
N GLN A 209 4.52 25.72 -11.51
CA GLN A 209 3.47 25.51 -12.48
C GLN A 209 2.29 24.74 -11.85
N TYR A 210 2.40 24.27 -10.60
CA TYR A 210 1.27 23.50 -10.04
C TYR A 210 0.07 24.44 -9.92
N TRP A 211 -1.10 24.00 -10.39
CA TRP A 211 -2.32 24.81 -10.37
C TRP A 211 -2.68 25.34 -9.01
N ASP A 212 -2.13 24.69 -7.99
CA ASP A 212 -2.48 25.06 -6.63
C ASP A 212 -1.29 25.55 -5.83
N ASN A 213 -0.34 26.04 -6.64
CA ASN A 213 0.90 26.65 -6.16
C ASN A 213 0.67 27.71 -5.10
N ALA A 214 -0.39 28.52 -5.18
CA ALA A 214 -0.53 29.58 -4.16
C ALA A 214 -0.78 28.97 -2.81
N LYS A 215 -1.23 27.69 -2.76
CA LYS A 215 -1.46 27.12 -1.42
C LYS A 215 -0.34 26.23 -0.90
N THR A 216 0.70 26.03 -1.71
CA THR A 216 1.85 25.23 -1.28
C THR A 216 2.70 26.10 -0.38
N VAL A 217 3.01 25.59 0.81
CA VAL A 217 3.85 26.28 1.79
C VAL A 217 5.30 25.79 1.79
N ILE A 218 5.54 24.48 1.92
CA ILE A 218 6.90 23.92 1.98
C ILE A 218 7.61 24.04 0.65
N ASN A 219 8.77 24.70 0.67
CA ASN A 219 9.51 24.91 -0.60
C ASN A 219 10.42 23.73 -0.92
N GLN A 220 10.79 22.98 0.12
CA GLN A 220 11.69 21.83 -0.15
C GLN A 220 11.44 20.68 0.85
N VAL A 221 11.44 19.48 0.28
CA VAL A 221 11.27 18.26 1.09
C VAL A 221 12.32 17.24 0.64
N THR A 222 12.89 16.65 1.67
CA THR A 222 13.93 15.62 1.57
C THR A 222 13.34 14.30 2.15
N TYR A 223 13.46 13.27 1.35
CA TYR A 223 13.02 11.91 1.69
C TYR A 223 14.30 11.04 1.78
N LEU A 224 14.48 10.41 2.93
CA LEU A 224 15.59 9.50 3.28
C LEU A 224 15.05 8.06 3.22
N PRO A 225 16.03 7.22 2.92
CA PRO A 225 15.79 5.76 2.77
C PRO A 225 16.25 4.91 3.95
N ILE A 226 16.06 5.36 5.19
CA ILE A 226 16.52 4.62 6.39
C ILE A 226 15.57 3.48 6.83
N SER A 227 15.99 2.24 6.66
CA SER A 227 15.34 0.96 6.96
C SER A 227 15.46 0.53 8.42
N SER A 228 16.44 1.10 9.08
CA SER A 228 16.67 0.88 10.50
C SER A 228 15.84 1.93 11.24
N GLU A 229 14.77 1.46 11.86
CA GLU A 229 13.82 2.22 12.63
C GLU A 229 14.52 2.87 13.81
N VAL A 230 15.60 2.25 14.26
CA VAL A 230 16.34 2.78 15.41
C VAL A 230 17.14 4.01 14.97
N THR A 231 17.72 3.93 13.80
CA THR A 231 18.53 5.01 13.24
C THR A 231 17.62 6.22 12.98
N ASP A 232 16.48 5.93 12.43
CA ASP A 232 15.44 6.95 12.11
C ASP A 232 15.14 7.77 13.37
N VAL A 233 14.77 7.02 14.40
CA VAL A 233 14.46 7.56 15.73
C VAL A 233 15.65 8.32 16.31
N ASN A 234 16.85 7.81 16.17
CA ASN A 234 18.05 8.53 16.68
C ASN A 234 18.16 9.90 15.99
N ARG A 235 18.26 9.85 14.67
CA ARG A 235 18.35 10.99 13.79
C ARG A 235 17.20 11.97 13.96
N TYR A 236 16.02 11.53 14.35
CA TYR A 236 14.90 12.45 14.61
C TYR A 236 15.22 13.21 15.92
N ARG A 237 15.77 12.49 16.88
CA ARG A 237 16.16 12.90 18.23
C ARG A 237 17.29 13.93 18.13
N SER A 238 18.20 13.65 17.22
CA SER A 238 19.34 14.54 16.94
C SER A 238 18.70 15.89 16.51
N GLY A 239 17.70 15.78 15.65
CA GLY A 239 16.97 16.95 15.13
C GLY A 239 17.26 17.10 13.63
N GLU A 240 17.56 15.97 13.04
CA GLU A 240 17.85 15.94 11.61
C GLU A 240 16.64 15.51 10.79
N ILE A 241 15.67 14.93 11.47
CA ILE A 241 14.44 14.36 10.94
C ILE A 241 13.24 14.96 11.64
N ASP A 242 12.31 15.42 10.80
CA ASP A 242 11.07 16.05 11.24
C ASP A 242 9.89 15.07 11.46
N MET A 243 9.79 14.12 10.55
CA MET A 243 8.77 13.08 10.58
C MET A 243 9.51 11.77 10.17
N THR A 244 9.47 10.87 11.13
CA THR A 244 10.08 9.53 10.92
C THR A 244 9.11 8.76 10.01
N TYR A 245 9.63 7.64 9.60
CA TYR A 245 8.82 6.64 8.87
C TYR A 245 7.85 6.07 9.90
N ASN A 246 6.73 5.47 9.48
CA ASN A 246 5.73 5.01 10.46
C ASN A 246 5.88 3.54 10.84
N ASN A 247 7.10 3.19 11.18
CA ASN A 247 7.56 1.91 11.70
C ASN A 247 8.37 2.35 12.95
N MET A 248 7.89 2.02 14.12
CA MET A 248 8.52 2.28 15.43
C MET A 248 9.29 1.06 15.97
N PRO A 249 10.50 1.35 16.43
CA PRO A 249 11.38 0.30 17.01
C PRO A 249 10.76 -0.13 18.35
N ILE A 250 10.65 -1.41 18.52
CA ILE A 250 10.09 -2.08 19.72
C ILE A 250 10.94 -1.71 20.93
N GLU A 251 12.24 -1.57 20.70
CA GLU A 251 13.17 -1.22 21.76
C GLU A 251 12.89 0.09 22.47
N LEU A 252 12.83 1.17 21.71
CA LEU A 252 12.62 2.53 22.18
C LEU A 252 11.21 3.06 22.33
N PHE A 253 10.25 2.42 21.68
CA PHE A 253 8.88 2.97 21.73
C PHE A 253 8.40 3.37 23.10
N GLN A 254 8.44 2.47 24.08
CA GLN A 254 8.01 2.75 25.47
C GLN A 254 8.73 3.98 26.03
N LYS A 255 10.03 4.04 25.77
CA LYS A 255 10.92 5.12 26.19
C LYS A 255 10.31 6.46 25.71
N LEU A 256 10.10 6.51 24.41
CA LEU A 256 9.57 7.62 23.63
C LEU A 256 8.26 8.13 24.19
N LYS A 257 7.33 7.20 24.32
CA LYS A 257 6.02 7.57 24.87
C LYS A 257 6.18 8.27 26.21
N LYS A 258 7.31 8.09 26.89
CA LYS A 258 7.40 8.76 28.20
C LYS A 258 8.18 10.04 28.14
N GLU A 259 9.22 10.15 27.35
CA GLU A 259 10.02 11.35 27.23
C GLU A 259 9.56 12.40 26.24
N ILE A 260 9.02 12.05 25.08
CA ILE A 260 8.55 12.97 24.03
C ILE A 260 7.17 12.59 23.53
N PRO A 261 6.23 12.36 24.44
CA PRO A 261 4.86 11.97 24.20
C PRO A 261 3.94 12.78 23.34
N ASN A 262 4.29 14.01 22.99
CA ASN A 262 3.41 14.82 22.11
C ASN A 262 3.88 14.64 20.66
N GLU A 263 5.05 14.03 20.55
CA GLU A 263 5.63 13.77 19.23
C GLU A 263 5.32 12.38 18.74
N VAL A 264 4.72 11.58 19.63
CA VAL A 264 4.37 10.17 19.30
C VAL A 264 2.94 10.11 18.77
N ARG A 265 2.75 9.99 17.48
CA ARG A 265 1.39 9.88 16.90
C ARG A 265 1.10 8.39 16.65
N VAL A 266 -0.01 7.92 17.13
CA VAL A 266 -0.49 6.54 17.01
C VAL A 266 -1.99 6.63 16.64
N ASP A 267 -2.25 6.39 15.38
CA ASP A 267 -3.56 6.44 14.74
C ASP A 267 -3.86 5.11 14.01
N PRO A 268 -5.15 4.86 13.84
CA PRO A 268 -5.69 3.71 13.11
C PRO A 268 -5.18 3.81 11.66
N TYR A 269 -4.75 2.65 11.21
CA TYR A 269 -4.14 2.45 9.88
C TYR A 269 -4.81 1.28 9.17
N LEU A 270 -5.17 1.48 7.91
CA LEU A 270 -5.89 0.41 7.17
C LEU A 270 -4.93 -0.56 6.49
N CYS A 271 -4.12 -1.23 7.34
CA CYS A 271 -3.12 -2.18 6.86
C CYS A 271 -3.17 -3.45 7.73
N THR A 272 -2.72 -4.52 7.09
CA THR A 272 -2.66 -5.81 7.85
C THR A 272 -1.23 -6.38 7.75
N TYR A 273 -0.69 -6.72 8.89
CA TYR A 273 0.65 -7.40 8.86
C TYR A 273 0.36 -8.93 8.85
N TYR A 274 1.02 -9.65 7.99
CA TYR A 274 0.74 -11.11 7.89
C TYR A 274 2.00 -11.84 7.43
N TYR A 275 1.99 -13.16 7.54
CA TYR A 275 3.10 -13.99 7.02
C TYR A 275 2.44 -14.64 5.82
N GLU A 276 3.06 -14.35 4.70
CA GLU A 276 2.53 -14.86 3.42
C GLU A 276 3.14 -16.22 3.08
N ILE A 277 2.27 -17.15 2.64
CA ILE A 277 2.83 -18.48 2.32
C ILE A 277 2.87 -18.64 0.82
N ASN A 278 3.96 -19.16 0.26
CA ASN A 278 3.92 -19.39 -1.21
C ASN A 278 3.04 -20.64 -1.44
N ASN A 279 1.79 -20.43 -1.81
CA ASN A 279 0.70 -21.35 -2.03
C ASN A 279 0.96 -22.45 -3.06
N GLN A 280 1.86 -22.17 -3.98
CA GLN A 280 2.19 -23.09 -5.05
C GLN A 280 3.36 -24.04 -4.76
N LYS A 281 4.04 -23.98 -3.65
CA LYS A 281 5.20 -24.87 -3.49
C LYS A 281 5.05 -25.79 -2.29
N ALA A 282 5.45 -27.01 -2.60
CA ALA A 282 5.38 -28.12 -1.60
C ALA A 282 6.31 -27.85 -0.45
N PRO A 283 5.90 -28.16 0.79
CA PRO A 283 4.59 -28.72 1.14
C PRO A 283 3.53 -27.61 1.42
N PHE A 284 3.76 -26.36 1.05
CA PHE A 284 2.83 -25.25 1.37
C PHE A 284 1.58 -25.28 0.55
N ASN A 285 1.61 -26.14 -0.46
CA ASN A 285 0.41 -26.38 -1.28
C ASN A 285 -0.60 -27.27 -0.53
N ASP A 286 -0.28 -27.68 0.67
CA ASP A 286 -1.17 -28.48 1.48
C ASP A 286 -1.80 -27.58 2.53
N VAL A 287 -3.11 -27.57 2.60
CA VAL A 287 -3.84 -26.76 3.53
C VAL A 287 -3.62 -27.15 4.95
N ARG A 288 -3.17 -28.37 5.20
CA ARG A 288 -3.02 -28.73 6.62
C ARG A 288 -1.78 -28.01 7.22
N VAL A 289 -0.75 -27.96 6.39
CA VAL A 289 0.53 -27.32 6.84
C VAL A 289 0.28 -25.81 7.00
N ARG A 290 -0.47 -25.24 6.03
CA ARG A 290 -0.85 -23.80 6.05
C ARG A 290 -1.64 -23.49 7.30
N THR A 291 -2.73 -24.25 7.56
CA THR A 291 -3.54 -24.10 8.75
C THR A 291 -2.79 -24.29 10.04
N ALA A 292 -1.85 -25.25 10.06
CA ALA A 292 -1.11 -25.45 11.34
C ALA A 292 -0.31 -24.21 11.70
N LEU A 293 0.38 -23.68 10.67
CA LEU A 293 1.18 -22.43 10.94
C LEU A 293 0.25 -21.26 11.36
N LYS A 294 -0.90 -21.14 10.72
CA LYS A 294 -1.85 -20.04 11.06
C LYS A 294 -2.28 -20.14 12.51
N LEU A 295 -2.60 -21.38 12.92
CA LEU A 295 -3.04 -21.75 14.28
C LEU A 295 -1.96 -21.70 15.33
N ALA A 296 -0.80 -22.30 15.04
CA ALA A 296 0.27 -22.30 16.05
C ALA A 296 0.82 -20.91 16.34
N LEU A 297 0.62 -19.90 15.48
CA LEU A 297 1.14 -18.56 15.83
C LEU A 297 0.38 -17.99 17.03
N ASP A 298 1.08 -17.47 18.02
CA ASP A 298 0.44 -16.87 19.20
C ASP A 298 0.42 -15.33 19.02
N ARG A 299 -0.71 -14.83 18.53
CA ARG A 299 -0.97 -13.41 18.26
C ARG A 299 -0.88 -12.58 19.52
N ASP A 300 -1.33 -13.15 20.61
CA ASP A 300 -1.28 -12.58 21.95
C ASP A 300 0.08 -12.09 22.36
N ILE A 301 1.04 -12.96 22.27
CA ILE A 301 2.41 -12.69 22.60
C ILE A 301 3.02 -11.66 21.66
N ILE A 302 2.79 -11.89 20.38
CA ILE A 302 3.37 -10.99 19.39
C ILE A 302 2.85 -9.56 19.48
N VAL A 303 1.55 -9.40 19.42
CA VAL A 303 0.84 -8.11 19.48
C VAL A 303 0.98 -7.45 20.83
N ASN A 304 0.51 -8.12 21.87
CA ASN A 304 0.53 -7.60 23.24
C ASN A 304 1.82 -7.71 23.98
N LYS A 305 2.68 -8.71 23.80
CA LYS A 305 3.91 -8.75 24.60
C LYS A 305 5.15 -8.35 23.86
N VAL A 306 5.38 -8.85 22.67
CA VAL A 306 6.59 -8.53 21.92
C VAL A 306 6.54 -7.07 21.46
N LYS A 307 5.61 -6.79 20.57
CA LYS A 307 5.49 -5.44 19.97
C LYS A 307 4.90 -4.49 20.98
N ASN A 308 3.63 -4.60 21.22
CA ASN A 308 3.07 -3.73 22.26
C ASN A 308 2.98 -2.26 21.89
N GLN A 309 2.56 -2.00 20.66
CA GLN A 309 2.41 -0.60 20.18
C GLN A 309 0.98 -0.14 19.96
N GLY A 310 0.05 -1.02 20.28
CA GLY A 310 -1.38 -0.81 20.09
C GLY A 310 -2.04 -1.51 18.91
N ASP A 311 -1.37 -2.37 18.16
CA ASP A 311 -1.95 -3.09 17.02
C ASP A 311 -3.02 -4.07 17.54
N LEU A 312 -3.87 -4.50 16.65
CA LEU A 312 -4.95 -5.44 17.08
C LEU A 312 -4.63 -6.80 16.48
N PRO A 313 -4.87 -7.87 17.24
CA PRO A 313 -4.61 -9.25 16.73
C PRO A 313 -5.60 -9.48 15.61
N ALA A 314 -5.06 -9.99 14.51
CA ALA A 314 -5.82 -10.25 13.30
C ALA A 314 -6.25 -11.71 13.09
N TYR A 315 -7.42 -11.81 12.54
CA TYR A 315 -8.13 -13.03 12.14
C TYR A 315 -8.55 -13.05 10.69
N SER A 316 -8.38 -11.93 9.99
CA SER A 316 -8.74 -11.73 8.57
C SER A 316 -7.62 -10.97 7.83
N TYR A 317 -7.76 -10.93 6.52
CA TYR A 317 -6.87 -10.15 5.63
C TYR A 317 -7.38 -8.67 5.75
N THR A 318 -8.62 -8.51 5.32
CA THR A 318 -9.27 -7.18 5.34
C THR A 318 -9.49 -6.75 6.77
N PRO A 319 -8.99 -5.58 7.13
CA PRO A 319 -9.19 -5.03 8.47
C PRO A 319 -10.70 -4.83 8.65
N PRO A 320 -11.18 -5.26 9.84
CA PRO A 320 -12.60 -5.23 10.17
C PRO A 320 -13.19 -3.82 10.20
N TYR A 321 -12.31 -2.83 10.32
CA TYR A 321 -12.78 -1.44 10.38
C TYR A 321 -12.78 -0.76 9.02
N THR A 322 -12.54 -1.47 7.94
CA THR A 322 -12.61 -0.90 6.60
C THR A 322 -14.08 -0.57 6.31
N ASP A 323 -14.21 0.48 5.54
CA ASP A 323 -15.55 0.93 5.13
C ASP A 323 -16.23 -0.20 4.36
N GLY A 324 -17.38 -0.64 4.87
CA GLY A 324 -18.14 -1.71 4.21
C GLY A 324 -17.81 -3.14 4.60
N ALA A 325 -16.95 -3.35 5.60
CA ALA A 325 -16.64 -4.74 6.00
C ALA A 325 -17.53 -5.14 7.18
N LYS A 326 -18.20 -6.25 7.04
CA LYS A 326 -18.99 -6.81 8.18
C LYS A 326 -18.32 -8.21 8.30
N LEU A 327 -17.27 -8.38 9.08
CA LEU A 327 -16.62 -9.71 9.13
C LEU A 327 -17.10 -10.59 10.29
N VAL A 328 -16.92 -11.90 10.06
CA VAL A 328 -17.21 -12.92 11.06
C VAL A 328 -15.88 -13.49 11.59
N GLU A 329 -15.73 -13.44 12.89
CA GLU A 329 -14.56 -14.01 13.58
C GLU A 329 -14.66 -15.57 13.51
N PRO A 330 -13.59 -16.13 13.00
CA PRO A 330 -13.51 -17.60 12.82
C PRO A 330 -13.36 -18.24 14.21
N GLU A 331 -13.94 -19.43 14.30
CA GLU A 331 -13.95 -20.23 15.55
C GLU A 331 -12.58 -20.49 16.09
N TRP A 332 -11.59 -20.79 15.26
CA TRP A 332 -10.20 -21.03 15.75
C TRP A 332 -9.69 -19.87 16.57
N PHE A 333 -10.12 -18.68 16.16
CA PHE A 333 -9.72 -17.42 16.84
C PHE A 333 -10.31 -17.30 18.23
N LYS A 334 -11.49 -17.91 18.42
CA LYS A 334 -12.22 -17.85 19.69
C LYS A 334 -11.72 -18.91 20.69
N TRP A 335 -10.83 -19.80 20.24
CA TRP A 335 -10.25 -20.83 21.09
C TRP A 335 -9.11 -20.31 21.97
N SER A 336 -8.64 -21.27 22.77
CA SER A 336 -7.47 -21.08 23.65
C SER A 336 -6.23 -21.27 22.80
N GLN A 337 -5.08 -20.68 23.12
CA GLN A 337 -3.87 -20.93 22.26
C GLN A 337 -3.52 -22.43 22.33
N GLN A 338 -3.67 -23.05 23.52
CA GLN A 338 -3.29 -24.49 23.59
C GLN A 338 -4.26 -25.30 22.77
N LYS A 339 -5.53 -24.89 22.67
CA LYS A 339 -6.46 -25.63 21.82
C LYS A 339 -5.96 -25.54 20.38
N ARG A 340 -5.69 -24.29 19.97
CA ARG A 340 -5.13 -24.05 18.62
C ARG A 340 -3.82 -24.83 18.42
N ASN A 341 -2.93 -24.80 19.41
CA ASN A 341 -1.66 -25.56 19.23
C ASN A 341 -1.89 -27.07 18.98
N GLU A 342 -2.82 -27.65 19.75
CA GLU A 342 -3.09 -29.10 19.67
C GLU A 342 -3.60 -29.51 18.32
N GLU A 343 -4.45 -28.60 17.85
CA GLU A 343 -5.08 -28.72 16.54
C GLU A 343 -4.03 -28.73 15.42
N ALA A 344 -3.15 -27.78 15.60
CA ALA A 344 -2.01 -27.46 14.76
C ALA A 344 -1.06 -28.68 14.77
N LYS A 345 -0.71 -29.19 15.90
CA LYS A 345 0.21 -30.37 16.08
C LYS A 345 -0.35 -31.49 15.20
N LYS A 346 -1.65 -31.67 15.38
CA LYS A 346 -2.39 -32.71 14.65
C LYS A 346 -2.34 -32.59 13.16
N LEU A 347 -2.60 -31.41 12.57
CA LEU A 347 -2.66 -31.18 11.11
C LEU A 347 -1.37 -31.44 10.39
N LEU A 348 -0.35 -31.04 11.12
CA LEU A 348 1.02 -31.23 10.60
C LEU A 348 1.35 -32.75 10.65
N ALA A 349 0.97 -33.41 11.73
CA ALA A 349 1.27 -34.86 11.88
C ALA A 349 0.66 -35.62 10.74
N GLU A 350 -0.60 -35.20 10.54
CA GLU A 350 -1.39 -35.78 9.47
C GLU A 350 -0.70 -35.58 8.14
N ALA A 351 -0.08 -34.40 8.03
CA ALA A 351 0.65 -34.02 6.82
C ALA A 351 1.95 -34.79 6.75
N GLY A 352 2.45 -35.38 7.84
CA GLY A 352 3.69 -36.13 7.80
C GLY A 352 4.88 -35.64 8.52
N PHE A 353 4.69 -34.56 9.28
CA PHE A 353 5.76 -33.91 10.05
C PHE A 353 5.44 -33.95 11.53
N THR A 354 6.44 -34.36 12.29
CA THR A 354 6.26 -34.39 13.79
C THR A 354 7.53 -33.78 14.35
N ALA A 355 7.64 -33.50 15.63
CA ALA A 355 8.93 -32.95 16.14
C ALA A 355 10.08 -33.90 15.85
N ASP A 356 9.79 -35.19 15.72
CA ASP A 356 10.84 -36.19 15.44
C ASP A 356 11.31 -36.09 13.99
N LYS A 357 10.42 -35.87 13.06
CA LYS A 357 10.68 -35.76 11.61
C LYS A 357 9.95 -34.46 11.18
N PRO A 358 10.64 -33.36 11.48
CA PRO A 358 10.11 -32.02 11.30
C PRO A 358 10.21 -31.36 9.96
N LEU A 359 9.39 -30.33 9.87
CA LEU A 359 9.37 -29.44 8.71
C LEU A 359 10.38 -28.28 8.95
N THR A 360 11.19 -28.03 7.96
CA THR A 360 12.15 -26.95 7.83
C THR A 360 11.87 -26.02 6.64
N PHE A 361 11.93 -24.71 6.91
CA PHE A 361 11.66 -23.77 5.77
C PHE A 361 12.29 -22.43 6.16
N ASP A 362 12.34 -21.55 5.18
CA ASP A 362 12.88 -20.21 5.15
C ASP A 362 11.77 -19.18 5.42
N LEU A 363 12.10 -18.25 6.28
CA LEU A 363 11.21 -17.14 6.63
C LEU A 363 11.91 -15.83 6.11
N LEU A 364 11.40 -15.30 5.01
CA LEU A 364 11.97 -14.07 4.41
C LEU A 364 11.39 -12.77 4.99
N TYR A 365 12.22 -11.80 5.30
CA TYR A 365 11.78 -10.48 5.81
C TYR A 365 12.58 -9.38 5.11
N ASN A 366 11.97 -8.19 4.99
CA ASN A 366 12.73 -7.06 4.35
C ASN A 366 13.61 -6.49 5.47
N THR A 367 14.84 -6.20 5.13
CA THR A 367 15.72 -5.64 6.18
C THR A 367 15.05 -4.55 7.00
N SER A 368 15.05 -4.76 8.29
CA SER A 368 14.38 -3.87 9.25
C SER A 368 14.59 -4.44 10.66
N ASP A 369 14.75 -3.54 11.61
CA ASP A 369 14.95 -3.82 13.03
C ASP A 369 13.61 -4.33 13.60
N LEU A 370 12.53 -3.69 13.18
CA LEU A 370 11.19 -4.07 13.63
C LEU A 370 10.84 -5.48 13.12
N HIS A 371 10.95 -5.72 11.83
CA HIS A 371 10.72 -6.97 11.16
C HIS A 371 11.63 -8.11 11.64
N LYS A 372 12.87 -7.80 11.98
CA LYS A 372 13.82 -8.80 12.45
C LYS A 372 13.41 -9.26 13.84
N LYS A 373 13.13 -8.35 14.74
CA LYS A 373 12.67 -8.55 16.12
C LYS A 373 11.49 -9.57 16.08
N LEU A 374 10.48 -9.29 15.27
CA LEU A 374 9.28 -10.05 15.08
C LEU A 374 9.49 -11.46 14.54
N ALA A 375 10.31 -11.60 13.51
CA ALA A 375 10.58 -12.86 12.83
C ALA A 375 11.26 -13.88 13.76
N ILE A 376 12.02 -13.33 14.67
CA ILE A 376 12.77 -14.06 15.66
C ILE A 376 11.75 -14.63 16.65
N ALA A 377 10.88 -13.74 17.08
CA ALA A 377 9.82 -14.07 18.02
C ALA A 377 8.90 -15.14 17.45
N VAL A 378 8.51 -14.98 16.23
CA VAL A 378 7.66 -15.87 15.45
C VAL A 378 8.36 -17.22 15.23
N ALA A 379 9.60 -17.22 14.83
CA ALA A 379 10.32 -18.47 14.60
C ALA A 379 10.41 -19.28 15.92
N SER A 380 10.50 -18.57 17.00
CA SER A 380 10.59 -19.12 18.34
C SER A 380 9.30 -19.83 18.75
N ILE A 381 8.17 -19.15 18.56
CA ILE A 381 6.82 -19.61 18.83
C ILE A 381 6.46 -20.84 18.02
N TRP A 382 6.83 -20.86 16.76
CA TRP A 382 6.52 -22.01 15.89
C TRP A 382 7.41 -23.19 16.29
N LYS A 383 8.62 -22.93 16.74
CA LYS A 383 9.58 -23.97 17.20
C LYS A 383 8.92 -24.67 18.43
N LYS A 384 8.67 -23.88 19.44
CA LYS A 384 8.04 -24.09 20.72
C LYS A 384 6.76 -24.91 20.47
N ASN A 385 5.81 -24.34 19.77
CA ASN A 385 4.48 -24.82 19.46
C ASN A 385 4.29 -25.90 18.39
N LEU A 386 5.27 -26.04 17.53
CA LEU A 386 5.12 -26.97 16.40
C LEU A 386 6.33 -27.84 16.13
N GLY A 387 7.50 -27.55 16.71
CA GLY A 387 8.67 -28.37 16.39
C GLY A 387 9.21 -28.13 14.99
N VAL A 388 8.82 -27.01 14.36
CA VAL A 388 9.35 -26.66 13.02
C VAL A 388 10.65 -25.87 13.19
N ASN A 389 11.50 -26.00 12.17
CA ASN A 389 12.81 -25.33 12.07
C ASN A 389 12.65 -24.28 10.94
N VAL A 390 12.77 -23.07 11.41
CA VAL A 390 12.63 -21.89 10.50
C VAL A 390 14.01 -21.28 10.26
N ASN A 391 14.34 -21.08 9.03
CA ASN A 391 15.60 -20.41 8.71
C ASN A 391 15.29 -18.95 8.23
N LEU A 392 15.79 -18.01 9.01
CA LEU A 392 15.64 -16.57 8.72
C LEU A 392 16.57 -16.07 7.63
N GLU A 393 16.02 -15.36 6.69
CA GLU A 393 16.70 -14.68 5.60
C GLU A 393 16.15 -13.26 5.41
N ASN A 394 17.01 -12.33 5.07
CA ASN A 394 16.51 -10.93 4.81
C ASN A 394 17.08 -10.46 3.49
N GLN A 395 16.36 -9.59 2.83
CA GLN A 395 16.64 -8.95 1.55
C GLN A 395 16.23 -7.45 1.67
N GLU A 396 16.75 -6.73 0.71
CA GLU A 396 16.57 -5.30 0.51
C GLU A 396 15.13 -5.20 -0.07
N TRP A 397 14.55 -4.09 0.35
CA TRP A 397 13.18 -3.78 -0.11
C TRP A 397 12.89 -4.10 -1.55
N LYS A 398 13.64 -3.58 -2.52
CA LYS A 398 13.28 -3.87 -3.91
C LYS A 398 13.58 -5.32 -4.29
N THR A 399 14.58 -5.93 -3.66
CA THR A 399 14.87 -7.35 -3.96
C THR A 399 13.72 -8.22 -3.39
N PHE A 400 13.40 -7.94 -2.14
CA PHE A 400 12.31 -8.56 -1.37
C PHE A 400 11.06 -8.56 -2.23
N LEU A 401 10.65 -7.42 -2.83
CA LEU A 401 9.46 -7.35 -3.63
C LEU A 401 9.47 -8.30 -4.81
N ASP A 402 10.64 -8.25 -5.44
CA ASP A 402 10.83 -9.08 -6.65
C ASP A 402 10.76 -10.59 -6.34
N THR A 403 11.33 -11.01 -5.23
CA THR A 403 11.33 -12.41 -4.80
C THR A 403 9.88 -12.86 -4.66
N ARG A 404 9.14 -11.99 -3.98
CA ARG A 404 7.71 -12.33 -3.74
C ARG A 404 6.98 -12.65 -5.00
N HIS A 405 7.13 -11.76 -5.99
CA HIS A 405 6.52 -11.91 -7.29
C HIS A 405 7.01 -13.13 -8.04
N GLN A 406 8.29 -13.42 -7.94
CA GLN A 406 8.95 -14.60 -8.55
C GLN A 406 8.52 -15.93 -7.91
N GLY A 407 8.28 -15.96 -6.62
CA GLY A 407 7.79 -17.14 -5.90
C GLY A 407 8.95 -18.03 -5.46
N THR A 408 10.08 -17.40 -5.28
CA THR A 408 11.35 -18.04 -4.88
C THR A 408 11.56 -17.87 -3.40
N PHE A 409 10.51 -18.26 -2.66
CA PHE A 409 10.49 -18.16 -1.21
C PHE A 409 9.60 -19.32 -0.67
N ASP A 410 9.60 -19.46 0.65
CA ASP A 410 8.76 -20.34 1.43
C ASP A 410 7.60 -19.56 2.08
N VAL A 411 7.98 -18.82 3.09
CA VAL A 411 7.17 -17.96 3.94
C VAL A 411 7.89 -16.59 3.99
N ALA A 412 7.11 -15.54 3.88
CA ALA A 412 7.62 -14.14 3.92
C ALA A 412 6.83 -13.20 4.82
N ARG A 413 7.55 -12.31 5.49
CA ARG A 413 6.90 -11.23 6.26
C ARG A 413 6.20 -10.41 5.14
N ALA A 414 4.99 -9.93 5.39
CA ALA A 414 4.20 -9.18 4.40
C ALA A 414 3.35 -8.15 5.11
N GLY A 415 2.76 -7.28 4.31
CA GLY A 415 1.86 -6.23 4.85
C GLY A 415 1.10 -5.70 3.62
N TRP A 416 -0.12 -5.32 3.79
CA TRP A 416 -0.88 -4.74 2.66
C TRP A 416 -1.69 -3.56 3.25
N CYS A 417 -1.58 -2.40 2.59
CA CYS A 417 -2.34 -1.21 3.06
C CYS A 417 -3.37 -0.92 1.97
N ALA A 418 -4.53 -0.51 2.45
CA ALA A 418 -5.59 -0.21 1.41
C ALA A 418 -5.19 0.89 0.45
N ASP A 419 -5.66 0.89 -0.77
CA ASP A 419 -5.39 1.99 -1.78
C ASP A 419 -6.64 2.89 -1.82
N TYR A 420 -7.73 2.31 -1.39
CA TYR A 420 -9.04 2.93 -1.30
C TYR A 420 -9.72 2.25 -0.12
N ASN A 421 -10.63 2.97 0.50
CA ASN A 421 -11.35 2.46 1.65
C ASN A 421 -12.62 1.69 1.28
N GLU A 422 -12.38 0.43 0.87
CA GLU A 422 -13.52 -0.47 0.52
C GLU A 422 -12.89 -1.87 0.51
N PRO A 423 -13.60 -2.90 0.97
CA PRO A 423 -13.08 -4.28 1.05
C PRO A 423 -12.36 -4.84 -0.14
N THR A 424 -12.76 -4.50 -1.36
CA THR A 424 -12.09 -4.96 -2.56
C THR A 424 -10.63 -4.53 -2.70
N SER A 425 -10.22 -3.54 -1.94
CA SER A 425 -8.86 -3.03 -1.95
C SER A 425 -7.90 -4.14 -1.43
N PHE A 426 -8.41 -4.90 -0.49
CA PHE A 426 -7.75 -6.07 0.09
C PHE A 426 -8.10 -7.29 -0.75
N LEU A 427 -9.39 -7.62 -0.88
CA LEU A 427 -9.78 -8.78 -1.64
C LEU A 427 -9.30 -8.92 -3.04
N ASN A 428 -9.23 -7.89 -3.86
CA ASN A 428 -8.78 -8.04 -5.25
C ASN A 428 -7.35 -8.61 -5.41
N THR A 429 -6.56 -8.41 -4.39
CA THR A 429 -5.17 -8.88 -4.39
C THR A 429 -5.10 -10.41 -4.41
N MET A 430 -6.17 -11.11 -4.05
CA MET A 430 -6.18 -12.57 -3.96
C MET A 430 -6.79 -13.25 -5.18
N LEU A 431 -7.21 -12.53 -6.19
CA LEU A 431 -7.72 -12.96 -7.46
C LEU A 431 -6.55 -13.73 -8.09
N SER A 432 -6.91 -14.88 -8.69
CA SER A 432 -5.86 -15.74 -9.24
C SER A 432 -4.94 -15.12 -10.23
N ASP A 433 -5.48 -14.25 -11.05
CA ASP A 433 -4.69 -13.56 -12.09
C ASP A 433 -4.23 -12.16 -11.65
N SER A 434 -4.37 -11.82 -10.39
CA SER A 434 -4.01 -10.47 -9.93
C SER A 434 -2.53 -10.23 -9.92
N SER A 435 -2.14 -9.09 -10.48
CA SER A 435 -0.70 -8.70 -10.54
C SER A 435 -0.09 -8.53 -9.16
N ASN A 436 -0.89 -8.32 -8.12
CA ASN A 436 -0.48 -8.12 -6.74
C ASN A 436 -0.56 -9.43 -5.93
N ASN A 437 -0.92 -10.50 -6.62
CA ASN A 437 -1.06 -11.79 -5.94
C ASN A 437 0.32 -12.44 -5.71
N THR A 438 0.90 -12.13 -4.57
CA THR A 438 2.25 -12.64 -4.28
C THR A 438 2.19 -13.87 -3.36
N ALA A 439 0.99 -14.23 -2.92
CA ALA A 439 0.73 -15.47 -2.17
C ALA A 439 0.76 -16.63 -3.18
N HIS A 440 0.49 -16.32 -4.47
CA HIS A 440 0.46 -17.37 -5.50
C HIS A 440 -0.68 -18.33 -5.17
N TYR A 441 -1.73 -17.71 -4.66
CA TYR A 441 -3.01 -18.31 -4.29
C TYR A 441 -3.97 -18.23 -5.47
N LYS A 442 -4.60 -19.36 -5.78
CA LYS A 442 -5.52 -19.43 -6.92
C LYS A 442 -6.77 -20.22 -6.55
N SER A 443 -7.88 -19.55 -6.33
CA SER A 443 -9.14 -20.18 -5.98
C SER A 443 -10.30 -19.70 -6.86
N PRO A 444 -10.78 -20.60 -7.71
CA PRO A 444 -11.91 -20.36 -8.60
C PRO A 444 -13.09 -19.95 -7.75
N ALA A 445 -13.18 -20.60 -6.60
CA ALA A 445 -14.30 -20.27 -5.70
C ALA A 445 -14.16 -18.82 -5.20
N PHE A 446 -12.92 -18.45 -4.86
CA PHE A 446 -12.66 -17.10 -4.37
C PHE A 446 -12.97 -16.09 -5.50
N ASP A 447 -12.50 -16.41 -6.67
CA ASP A 447 -12.64 -15.61 -7.87
C ASP A 447 -14.10 -15.30 -8.14
N LYS A 448 -14.90 -16.34 -8.06
CA LYS A 448 -16.35 -16.27 -8.32
C LYS A 448 -17.01 -15.37 -7.30
N LEU A 449 -16.76 -15.48 -6.01
CA LEU A 449 -17.30 -14.60 -4.98
C LEU A 449 -17.06 -13.10 -5.28
N ILE A 450 -15.86 -12.75 -5.66
CA ILE A 450 -15.43 -11.36 -5.91
C ILE A 450 -16.12 -10.85 -7.17
N ALA A 451 -16.12 -11.68 -8.17
CA ALA A 451 -16.72 -11.45 -9.45
C ALA A 451 -18.21 -11.17 -9.20
N ASP A 452 -18.81 -11.92 -8.32
CA ASP A 452 -20.24 -11.76 -8.01
C ASP A 452 -20.56 -10.42 -7.34
N THR A 453 -19.62 -9.81 -6.65
CA THR A 453 -19.84 -8.54 -5.95
C THR A 453 -20.26 -7.38 -6.84
N LEU A 454 -19.97 -7.40 -8.12
CA LEU A 454 -20.21 -6.49 -9.18
C LEU A 454 -21.43 -6.87 -10.02
N LYS A 455 -22.14 -7.91 -9.60
CA LYS A 455 -23.34 -8.41 -10.28
C LYS A 455 -24.56 -8.43 -9.38
N VAL A 456 -24.42 -7.95 -8.18
CA VAL A 456 -25.43 -7.85 -7.14
C VAL A 456 -26.40 -6.67 -7.43
N ALA A 457 -27.60 -6.88 -6.93
CA ALA A 457 -28.75 -6.00 -7.00
C ALA A 457 -28.68 -4.85 -6.00
N ASP A 458 -27.98 -5.04 -4.89
CA ASP A 458 -27.83 -4.05 -3.83
C ASP A 458 -26.56 -4.25 -3.00
N ASP A 459 -26.34 -3.29 -2.13
CA ASP A 459 -25.29 -3.11 -1.17
C ASP A 459 -25.07 -4.10 -0.03
N THR A 460 -26.12 -4.65 0.53
CA THR A 460 -26.13 -5.60 1.65
C THR A 460 -25.54 -6.95 1.18
N GLN A 461 -26.02 -7.24 -0.01
CA GLN A 461 -25.70 -8.43 -0.81
C GLN A 461 -24.20 -8.39 -1.04
N ARG A 462 -23.71 -7.16 -1.24
CA ARG A 462 -22.29 -6.95 -1.51
C ARG A 462 -21.44 -7.37 -0.31
N SER A 463 -21.81 -6.83 0.82
CA SER A 463 -21.08 -7.06 2.06
C SER A 463 -21.12 -8.49 2.56
N GLU A 464 -22.19 -9.20 2.30
CA GLU A 464 -22.30 -10.60 2.75
C GLU A 464 -21.28 -11.42 1.96
N LEU A 465 -21.17 -11.14 0.66
CA LEU A 465 -20.21 -11.75 -0.27
C LEU A 465 -18.74 -11.47 0.12
N TYR A 466 -18.42 -10.28 0.63
CA TYR A 466 -17.11 -9.91 1.08
C TYR A 466 -16.83 -10.74 2.35
N ALA A 467 -17.84 -10.98 3.17
CA ALA A 467 -17.64 -11.79 4.41
C ALA A 467 -17.43 -13.26 4.01
N LYS A 468 -18.14 -13.67 3.00
CA LYS A 468 -18.05 -15.03 2.44
C LYS A 468 -16.67 -15.22 1.82
N ALA A 469 -16.16 -14.23 1.08
CA ALA A 469 -14.84 -14.23 0.45
C ALA A 469 -13.74 -14.34 1.51
N GLU A 470 -13.85 -13.64 2.62
CA GLU A 470 -12.84 -13.78 3.68
C GLU A 470 -12.90 -15.17 4.34
N GLN A 471 -14.08 -15.77 4.44
CA GLN A 471 -14.21 -17.09 5.05
C GLN A 471 -13.47 -18.12 4.19
N GLN A 472 -13.57 -17.98 2.89
CA GLN A 472 -12.88 -18.80 1.88
C GLN A 472 -11.37 -18.69 2.01
N LEU A 473 -10.85 -17.46 2.14
CA LEU A 473 -9.37 -17.36 2.25
C LEU A 473 -8.90 -18.10 3.51
N ASP A 474 -9.68 -17.87 4.55
CA ASP A 474 -9.39 -18.40 5.88
C ASP A 474 -9.45 -19.95 5.93
N LYS A 475 -10.36 -20.50 5.22
CA LYS A 475 -10.68 -21.92 4.97
C LYS A 475 -9.43 -22.58 4.34
N ASP A 476 -8.95 -21.86 3.32
CA ASP A 476 -7.78 -22.19 2.55
C ASP A 476 -6.50 -21.85 3.30
N SER A 477 -6.60 -21.09 4.37
CA SER A 477 -5.40 -20.61 5.08
C SER A 477 -4.36 -20.08 4.08
N ALA A 478 -4.83 -19.21 3.18
CA ALA A 478 -3.98 -18.59 2.15
C ALA A 478 -2.76 -17.91 2.76
N ILE A 479 -2.98 -17.31 3.93
CA ILE A 479 -2.02 -16.55 4.71
C ILE A 479 -2.19 -16.79 6.21
N VAL A 480 -1.23 -16.24 6.95
CA VAL A 480 -1.17 -16.19 8.39
C VAL A 480 -1.35 -14.71 8.85
N PRO A 481 -2.58 -14.31 9.15
CA PRO A 481 -2.78 -12.93 9.64
C PRO A 481 -2.19 -12.82 11.04
N VAL A 482 -1.47 -11.71 11.29
CA VAL A 482 -0.90 -11.40 12.59
C VAL A 482 -1.61 -10.26 13.33
N TYR A 483 -1.55 -9.02 12.81
CA TYR A 483 -2.13 -7.80 13.35
C TYR A 483 -2.58 -6.80 12.27
N TYR A 484 -3.47 -5.97 12.76
CA TYR A 484 -4.13 -4.80 12.14
C TYR A 484 -3.26 -3.62 12.70
N TYR A 485 -2.61 -2.96 11.77
CA TYR A 485 -1.68 -1.87 12.14
C TYR A 485 -2.28 -0.65 12.81
N VAL A 486 -1.44 -0.03 13.61
CA VAL A 486 -1.60 1.33 14.13
C VAL A 486 -0.55 2.11 13.25
N ASN A 487 -0.88 3.36 13.06
CA ASN A 487 0.05 4.27 12.29
C ASN A 487 0.77 5.04 13.39
N ALA A 488 2.00 4.60 13.63
CA ALA A 488 2.79 5.17 14.73
C ALA A 488 4.10 5.73 14.21
N ARG A 489 4.26 7.05 14.40
CA ARG A 489 5.44 7.79 13.99
C ARG A 489 5.65 9.02 14.90
N LEU A 490 6.86 9.55 14.76
CA LEU A 490 7.25 10.77 15.52
C LEU A 490 7.18 11.94 14.51
N VAL A 491 6.54 12.99 15.00
CA VAL A 491 6.35 14.26 14.24
C VAL A 491 6.85 15.43 15.12
N LYS A 492 7.81 16.23 14.65
CA LYS A 492 8.29 17.38 15.48
C LYS A 492 7.13 18.36 15.74
N PRO A 493 7.17 19.02 16.90
CA PRO A 493 6.13 19.97 17.30
C PRO A 493 5.72 21.03 16.29
N TRP A 494 6.65 21.55 15.50
CA TRP A 494 6.50 22.56 14.46
C TRP A 494 5.94 22.09 13.12
N VAL A 495 5.68 20.81 12.94
CA VAL A 495 5.08 20.37 11.67
C VAL A 495 3.56 20.52 11.88
N GLY A 496 3.01 21.39 11.06
CA GLY A 496 1.56 21.64 11.06
C GLY A 496 1.05 20.85 9.83
N GLY A 497 -0.23 20.49 9.91
CA GLY A 497 -0.94 19.83 8.86
C GLY A 497 -1.12 18.32 9.00
N TYR A 498 -0.43 17.73 9.96
CA TYR A 498 -0.49 16.28 10.21
C TYR A 498 -1.53 15.96 11.31
N THR A 499 -2.72 15.67 10.86
CA THR A 499 -3.88 15.32 11.67
C THR A 499 -3.79 13.88 12.18
N GLY A 500 -3.36 12.94 11.35
CA GLY A 500 -3.30 11.51 11.65
C GLY A 500 -4.69 10.86 11.46
N LYS A 501 -5.68 11.60 10.99
CA LYS A 501 -7.04 11.28 10.74
C LYS A 501 -7.41 10.59 9.44
N ASP A 502 -6.45 10.39 8.57
CA ASP A 502 -6.68 9.67 7.28
C ASP A 502 -6.11 8.25 7.60
N PRO A 503 -6.99 7.26 7.59
CA PRO A 503 -6.63 5.84 7.88
C PRO A 503 -5.75 5.23 6.78
N LEU A 504 -5.70 5.94 5.64
CA LEU A 504 -4.86 5.58 4.50
C LEU A 504 -3.46 6.23 4.57
N ASP A 505 -3.25 7.18 5.46
CA ASP A 505 -1.99 7.91 5.63
C ASP A 505 -1.50 8.43 4.26
N ASN A 506 -2.38 9.06 3.49
CA ASN A 506 -2.06 9.57 2.15
C ASN A 506 -1.66 11.07 2.31
N ILE A 507 -0.50 11.26 2.88
CA ILE A 507 0.03 12.59 3.11
C ILE A 507 0.57 13.23 1.84
N TYR A 508 0.32 14.54 1.76
CA TYR A 508 0.81 15.39 0.66
C TYR A 508 1.59 16.55 1.35
N VAL A 509 2.88 16.60 0.99
CA VAL A 509 3.73 17.64 1.54
C VAL A 509 3.17 19.03 1.27
N LYS A 510 2.49 19.23 0.15
CA LYS A 510 1.84 20.55 -0.09
C LYS A 510 0.84 20.89 0.99
N ASN A 511 0.51 19.95 1.87
CA ASN A 511 -0.49 20.14 2.90
C ASN A 511 0.08 20.50 4.25
N LEU A 512 1.39 20.38 4.43
CA LEU A 512 2.05 20.67 5.73
C LEU A 512 2.67 22.10 5.67
N TYR A 513 3.06 22.53 6.85
CA TYR A 513 3.70 23.87 6.99
C TYR A 513 4.53 23.84 8.27
N ILE A 514 5.66 24.57 8.29
CA ILE A 514 6.50 24.67 9.47
C ILE A 514 6.10 25.94 10.25
N ILE A 515 5.90 25.77 11.52
CA ILE A 515 5.55 26.82 12.50
C ILE A 515 6.84 27.36 13.10
N LYS A 516 6.83 28.63 13.45
CA LYS A 516 8.02 29.29 14.07
C LYS A 516 8.34 28.58 15.39
N HIS A 517 9.62 28.27 15.58
CA HIS A 517 10.11 27.52 16.75
C HIS A 517 11.56 27.75 17.16
N VAL B 1 -1.22 -1.13 -1.57
CA VAL B 1 0.21 -1.03 -1.56
C VAL B 1 0.85 -1.90 -0.48
N LYS B 2 2.09 -2.27 -0.76
CA LYS B 2 2.88 -3.00 0.24
C LYS B 2 3.67 -2.03 1.13
N PRO B 3 3.49 -2.18 2.44
CA PRO B 3 4.16 -1.42 3.48
C PRO B 3 5.52 -2.08 3.80
N GLY B 4 6.46 -1.17 4.02
CA GLY B 4 7.84 -1.50 4.37
C GLY B 4 7.87 -1.99 5.84
#